data_9CCB
#
_entry.id   9CCB
#
_cell.length_a   48.700
_cell.length_b   72.143
_cell.length_c   114.868
_cell.angle_alpha   90.00
_cell.angle_beta   90.00
_cell.angle_gamma   90.00
#
_symmetry.space_group_name_H-M   'P 21 21 21'
#
loop_
_entity.id
_entity.type
_entity.pdbx_description
1 polymer 'Radical SAM core domain-containing protein'
2 non-polymer 'IRON/SULFUR CLUSTER'
3 non-polymer COBALAMIN
4 non-polymer 'CALCIUM ION'
5 water water
#
_entity_poly.entity_id   1
_entity_poly.type   'polypeptide(L)'
_entity_poly.pdbx_seq_one_letter_code
;MGSSHHHHHHSSGLVPRGSHMTRVVVLTPEHYTYGSMLIAGVLRDLGYSVELRKGLDGAGADVVFISLQSTIHLLRYRDI
INNIRGFRVVGGPVSMDPELVLRHLDVDLVIQGEGEDKVGMAMEVASGSLDASEIPGAAFKSPEGFIINEPARCSMKRAL
PLVPADISQENIRGASVYIETHRGCPGNCTFCQVPEFFGREVRSRPLEDIIREVRELRKSGARRFAISGGTGTLYGSSRF
RGIDEDAFTELLREISEITGPRNLTVPDIRVDMVTPEILDAISEYTNGWVFYGIESGSRRILRRMKKGIKPGDVIEAVEL
AREHNLKVAGSFIVGYPGEDERDHEETLELADELMLDDYFVSIAEPIPGTELGDEVKGLEDEDNPVFMEPSDRKFRSLAE
ERAFGFMLDSYVFRSMPIPVTDELLRSLKKEARDQQEHIETVTRMLKREL
;
_entity_poly.pdbx_strand_id   A
#
loop_
_chem_comp.id
_chem_comp.type
_chem_comp.name
_chem_comp.formula
B12 non-polymer COBALAMIN 'C62 H89 Co N13 O14 P 2'
CA non-polymer 'CALCIUM ION' 'Ca 2'
SF4 non-polymer 'IRON/SULFUR CLUSTER' 'Fe4 S4'
#
# COMPACT_ATOMS: atom_id res chain seq x y z
N ARG A 23 27.29 1.38 -13.56
CA ARG A 23 26.84 0.24 -14.36
C ARG A 23 25.32 0.14 -14.34
N VAL A 24 24.76 -0.14 -13.16
CA VAL A 24 23.33 -0.29 -12.97
C VAL A 24 22.88 0.68 -11.88
N VAL A 25 21.75 1.34 -12.11
CA VAL A 25 21.18 2.30 -11.17
C VAL A 25 19.71 1.98 -10.97
N VAL A 26 19.30 1.88 -9.71
CA VAL A 26 17.90 1.67 -9.34
C VAL A 26 17.31 3.00 -8.90
N LEU A 27 16.29 3.46 -9.60
CA LEU A 27 15.66 4.75 -9.33
C LEU A 27 14.27 4.56 -8.76
N THR A 28 13.94 5.34 -7.73
CA THR A 28 12.64 5.33 -7.10
C THR A 28 12.27 6.76 -6.75
N PRO A 29 11.10 7.24 -7.16
CA PRO A 29 10.74 8.63 -6.89
C PRO A 29 10.25 8.84 -5.47
N GLU A 30 10.51 10.05 -4.97
CA GLU A 30 9.93 10.57 -3.73
C GLU A 30 10.45 9.91 -2.47
N HIS A 31 10.53 8.57 -2.44
CA HIS A 31 10.86 7.87 -1.21
C HIS A 31 11.74 6.67 -1.49
N TYR A 32 12.47 6.25 -0.45
CA TYR A 32 13.24 5.01 -0.45
C TYR A 32 12.29 3.87 -0.08
N THR A 33 11.73 3.23 -1.10
CA THR A 33 10.79 2.14 -0.87
C THR A 33 11.52 0.84 -0.60
N TYR A 34 10.85 -0.05 0.14
CA TYR A 34 11.45 -1.35 0.44
C TYR A 34 11.68 -2.16 -0.82
N GLY A 35 10.77 -2.07 -1.78
CA GLY A 35 10.94 -2.81 -3.02
C GLY A 35 12.16 -2.39 -3.80
N SER A 36 12.42 -1.08 -3.88
CA SER A 36 13.59 -0.59 -4.59
C SER A 36 14.87 -1.03 -3.89
N MET A 37 14.91 -0.95 -2.56
CA MET A 37 16.07 -1.43 -1.82
C MET A 37 16.28 -2.93 -2.05
N LEU A 38 15.20 -3.69 -2.08
CA LEU A 38 15.31 -5.14 -2.29
C LEU A 38 15.84 -5.44 -3.69
N ILE A 39 15.34 -4.76 -4.71
CA ILE A 39 15.81 -4.98 -6.08
C ILE A 39 17.28 -4.60 -6.19
N ALA A 40 17.67 -3.48 -5.58
CA ALA A 40 19.07 -3.09 -5.60
C ALA A 40 19.95 -4.11 -4.90
N GLY A 41 19.46 -4.67 -3.78
CA GLY A 41 20.23 -5.69 -3.10
C GLY A 41 20.36 -6.98 -3.89
N VAL A 42 19.29 -7.35 -4.61
CA VAL A 42 19.37 -8.53 -5.46
C VAL A 42 20.38 -8.32 -6.57
N LEU A 43 20.34 -7.15 -7.22
CA LEU A 43 21.33 -6.84 -8.24
C LEU A 43 22.74 -6.79 -7.68
N ARG A 44 22.89 -6.35 -6.42
CA ARG A 44 24.20 -6.33 -5.79
C ARG A 44 24.72 -7.73 -5.55
N ASP A 45 23.86 -8.62 -5.02
CA ASP A 45 24.28 -10.00 -4.80
C ASP A 45 24.55 -10.72 -6.11
N LEU A 46 23.89 -10.32 -7.21
CA LEU A 46 24.17 -10.92 -8.51
C LEU A 46 25.55 -10.56 -9.02
N GLY A 47 26.19 -9.53 -8.47
CA GLY A 47 27.52 -9.14 -8.88
C GLY A 47 27.64 -7.86 -9.67
N TYR A 48 26.57 -7.08 -9.79
CA TYR A 48 26.60 -5.84 -10.55
C TYR A 48 26.93 -4.67 -9.65
N SER A 49 27.52 -3.62 -10.25
CA SER A 49 27.78 -2.37 -9.55
C SER A 49 26.48 -1.56 -9.54
N VAL A 50 25.84 -1.48 -8.37
CA VAL A 50 24.49 -0.95 -8.26
C VAL A 50 24.51 0.33 -7.43
N GLU A 51 23.77 1.33 -7.89
CA GLU A 51 23.46 2.53 -7.13
C GLU A 51 21.97 2.62 -6.90
N LEU A 52 21.56 3.11 -5.74
CA LEU A 52 20.16 3.31 -5.39
C LEU A 52 19.96 4.79 -5.06
N ARG A 53 19.35 5.52 -5.98
CA ARG A 53 19.12 6.96 -5.81
C ARG A 53 17.63 7.24 -5.72
N LYS A 54 17.29 8.26 -4.94
CA LYS A 54 15.92 8.72 -4.82
C LYS A 54 15.67 9.84 -5.82
N GLY A 55 14.56 9.74 -6.53
CA GLY A 55 14.20 10.74 -7.54
C GLY A 55 14.83 10.50 -8.88
N GLY A 60 22.10 8.34 -13.70
CA GLY A 60 22.09 7.66 -14.98
C GLY A 60 23.09 6.53 -15.07
N ALA A 61 22.82 5.56 -15.93
CA ALA A 61 23.70 4.41 -16.13
C ALA A 61 23.35 3.74 -17.44
N ASP A 62 24.09 2.68 -17.76
CA ASP A 62 23.80 1.91 -18.97
C ASP A 62 22.47 1.18 -18.85
N VAL A 63 22.16 0.67 -17.66
CA VAL A 63 20.89 0.02 -17.37
C VAL A 63 20.27 0.70 -16.17
N VAL A 64 19.01 1.11 -16.31
CA VAL A 64 18.29 1.83 -15.26
C VAL A 64 17.05 1.03 -14.89
N PHE A 65 16.99 0.58 -13.63
CA PHE A 65 15.82 -0.11 -13.11
C PHE A 65 14.93 0.93 -12.43
N ILE A 66 13.73 1.13 -12.98
CA ILE A 66 12.81 2.16 -12.51
C ILE A 66 11.72 1.48 -11.67
N SER A 67 11.66 1.86 -10.40
CA SER A 67 10.67 1.33 -9.46
C SER A 67 9.61 2.39 -9.22
N LEU A 68 8.41 2.16 -9.73
CA LEU A 68 7.29 3.09 -9.61
C LEU A 68 6.22 2.50 -8.72
N GLN A 69 5.77 3.26 -7.74
CA GLN A 69 4.85 2.76 -6.72
C GLN A 69 3.43 3.26 -6.86
N SER A 70 3.19 4.35 -7.60
CA SER A 70 1.86 4.92 -7.73
C SER A 70 1.54 5.12 -9.20
N THR A 71 0.25 5.00 -9.54
CA THR A 71 -0.19 5.17 -10.91
C THR A 71 0.17 6.55 -11.44
N ILE A 72 0.01 7.58 -10.60
CA ILE A 72 0.26 8.95 -11.04
C ILE A 72 1.72 9.17 -11.39
N HIS A 73 2.62 8.33 -10.87
CA HIS A 73 4.02 8.41 -11.28
C HIS A 73 4.19 8.22 -12.78
N LEU A 74 3.29 7.44 -13.40
CA LEU A 74 3.36 7.25 -14.85
C LEU A 74 3.16 8.56 -15.60
N LEU A 75 2.45 9.52 -15.00
CA LEU A 75 2.20 10.81 -15.61
C LEU A 75 3.10 11.92 -15.07
N ARG A 76 3.37 11.91 -13.77
CA ARG A 76 4.15 12.98 -13.15
C ARG A 76 5.60 12.97 -13.62
N TYR A 77 6.15 11.80 -13.95
CA TYR A 77 7.54 11.68 -14.33
C TYR A 77 7.70 11.11 -15.74
N ARG A 78 6.71 11.34 -16.60
CA ARG A 78 6.77 10.79 -17.96
C ARG A 78 7.94 11.36 -18.74
N ASP A 79 8.11 12.69 -18.69
CA ASP A 79 9.13 13.34 -19.49
C ASP A 79 10.53 12.91 -19.08
N ILE A 80 10.83 12.96 -17.78
CA ILE A 80 12.17 12.64 -17.33
C ILE A 80 12.49 11.17 -17.56
N ILE A 81 11.50 10.29 -17.40
CA ILE A 81 11.73 8.87 -17.64
C ILE A 81 11.97 8.61 -19.13
N ASN A 82 11.16 9.22 -20.00
CA ASN A 82 11.37 9.08 -21.43
C ASN A 82 12.66 9.74 -21.89
N ASN A 83 13.25 10.62 -21.09
CA ASN A 83 14.51 11.26 -21.43
C ASN A 83 15.72 10.54 -20.86
N ILE A 84 15.52 9.46 -20.11
CA ILE A 84 16.61 8.71 -19.51
C ILE A 84 17.28 7.85 -20.59
N ARG A 85 18.61 7.91 -20.65
CA ARG A 85 19.38 7.13 -21.61
C ARG A 85 19.71 5.76 -21.04
N GLY A 86 19.92 4.82 -21.95
CA GLY A 86 20.28 3.46 -21.58
C GLY A 86 19.10 2.52 -21.62
N PHE A 87 19.34 1.30 -21.17
CA PHE A 87 18.30 0.28 -21.11
C PHE A 87 17.43 0.52 -19.87
N ARG A 88 16.16 0.79 -20.09
CA ARG A 88 15.24 1.15 -19.02
C ARG A 88 14.30 -0.02 -18.73
N VAL A 89 14.18 -0.37 -17.45
CA VAL A 89 13.33 -1.45 -16.99
C VAL A 89 12.44 -0.91 -15.88
N VAL A 90 11.13 -1.11 -16.01
CA VAL A 90 10.15 -0.59 -15.05
C VAL A 90 9.53 -1.76 -14.29
N GLY A 91 9.45 -1.63 -12.97
CA GLY A 91 8.76 -2.59 -12.14
C GLY A 91 8.03 -1.89 -11.01
N GLY A 92 7.40 -2.69 -10.16
CA GLY A 92 6.62 -2.17 -9.06
C GLY A 92 5.15 -2.48 -9.22
N PRO A 93 4.32 -1.93 -8.33
CA PRO A 93 2.87 -2.21 -8.41
C PRO A 93 2.24 -1.73 -9.71
N VAL A 94 2.70 -0.61 -10.26
CA VAL A 94 2.16 -0.10 -11.51
C VAL A 94 2.29 -1.11 -12.64
N SER A 95 3.18 -2.10 -12.50
CA SER A 95 3.34 -3.11 -13.53
C SER A 95 2.15 -4.04 -13.65
N MET A 96 1.19 -3.99 -12.71
CA MET A 96 0.03 -4.86 -12.85
C MET A 96 -0.85 -4.48 -14.03
N ASP A 97 -0.67 -3.29 -14.59
CA ASP A 97 -1.30 -2.88 -15.85
C ASP A 97 -0.18 -2.48 -16.80
N PRO A 98 0.43 -3.45 -17.48
CA PRO A 98 1.56 -3.11 -18.36
C PRO A 98 1.16 -2.25 -19.54
N GLU A 99 -0.06 -2.38 -20.03
CA GLU A 99 -0.51 -1.57 -21.17
C GLU A 99 -0.48 -0.09 -20.83
N LEU A 100 -0.92 0.27 -19.62
CA LEU A 100 -0.89 1.67 -19.20
C LEU A 100 0.53 2.19 -19.09
N VAL A 101 1.44 1.40 -18.52
CA VAL A 101 2.84 1.79 -18.40
C VAL A 101 3.43 2.04 -19.78
N LEU A 102 3.22 1.09 -20.71
CA LEU A 102 3.78 1.26 -22.04
C LEU A 102 3.10 2.38 -22.81
N ARG A 103 1.85 2.71 -22.45
CA ARG A 103 1.19 3.85 -23.06
C ARG A 103 1.84 5.16 -22.60
N HIS A 104 2.18 5.27 -21.32
CA HIS A 104 2.77 6.49 -20.81
C HIS A 104 4.28 6.53 -20.90
N LEU A 105 4.96 5.39 -20.92
CA LEU A 105 6.41 5.34 -20.86
C LEU A 105 6.97 4.51 -22.00
N ASP A 106 7.91 5.08 -22.75
CA ASP A 106 8.63 4.37 -23.81
C ASP A 106 9.82 3.65 -23.16
N VAL A 107 9.51 2.50 -22.56
CA VAL A 107 10.46 1.74 -21.76
C VAL A 107 10.76 0.42 -22.48
N ASP A 108 12.01 -0.04 -22.37
CA ASP A 108 12.42 -1.24 -23.07
C ASP A 108 11.72 -2.49 -22.53
N LEU A 109 11.55 -2.57 -21.21
CA LEU A 109 11.03 -3.79 -20.60
C LEU A 109 10.24 -3.44 -19.35
N VAL A 110 9.13 -4.14 -19.16
CA VAL A 110 8.32 -4.06 -17.95
C VAL A 110 8.22 -5.45 -17.35
N ILE A 111 8.53 -5.57 -16.06
CA ILE A 111 8.44 -6.84 -15.33
C ILE A 111 7.24 -6.77 -14.42
N GLN A 112 6.30 -7.70 -14.60
CA GLN A 112 5.09 -7.75 -13.80
C GLN A 112 5.31 -8.56 -12.53
N GLY A 113 4.69 -8.11 -11.44
CA GLY A 113 4.70 -8.88 -10.21
C GLY A 113 6.06 -8.87 -9.52
N GLU A 114 6.31 -9.96 -8.80
CA GLU A 114 7.56 -10.10 -8.06
C GLU A 114 8.74 -10.23 -9.00
N GLY A 115 9.82 -9.52 -8.71
CA GLY A 115 10.95 -9.48 -9.63
C GLY A 115 12.30 -9.79 -9.04
N GLU A 116 12.35 -10.55 -7.94
CA GLU A 116 13.64 -10.94 -7.37
C GLU A 116 14.45 -11.77 -8.33
N ASP A 117 13.86 -12.84 -8.87
CA ASP A 117 14.53 -13.74 -9.79
C ASP A 117 14.38 -13.32 -11.25
N LYS A 118 13.94 -12.09 -11.52
CA LYS A 118 13.78 -11.60 -12.87
C LYS A 118 14.84 -10.59 -13.28
N VAL A 119 15.49 -9.92 -12.33
CA VAL A 119 16.39 -8.83 -12.68
C VAL A 119 17.67 -9.35 -13.34
N GLY A 120 18.09 -10.56 -13.00
CA GLY A 120 19.26 -11.13 -13.68
C GLY A 120 19.00 -11.38 -15.15
N MET A 121 17.84 -11.95 -15.47
CA MET A 121 17.49 -12.15 -16.88
C MET A 121 17.29 -10.82 -17.59
N ALA A 122 16.76 -9.81 -16.90
CA ALA A 122 16.65 -8.49 -17.51
C ALA A 122 18.03 -7.91 -17.81
N MET A 123 18.99 -8.13 -16.91
CA MET A 123 20.36 -7.68 -17.15
C MET A 123 20.95 -8.41 -18.35
N GLU A 124 20.72 -9.73 -18.44
CA GLU A 124 21.22 -10.47 -19.59
C GLU A 124 20.58 -10.01 -20.89
N VAL A 125 19.31 -9.58 -20.83
CA VAL A 125 18.69 -8.95 -22.00
C VAL A 125 19.40 -7.66 -22.34
N ALA A 126 19.68 -6.83 -21.33
CA ALA A 126 20.42 -5.60 -21.57
C ALA A 126 21.86 -5.87 -21.97
N SER A 127 22.42 -6.99 -21.53
CA SER A 127 23.79 -7.35 -21.89
C SER A 127 23.81 -8.36 -23.03
N LEU A 130 20.07 -12.66 -24.73
CA LEU A 130 18.85 -13.25 -24.19
C LEU A 130 17.61 -12.51 -24.72
N ASP A 131 16.59 -13.26 -25.09
CA ASP A 131 15.37 -12.69 -25.66
C ASP A 131 14.40 -12.32 -24.54
N ALA A 132 13.85 -11.11 -24.63
CA ALA A 132 12.98 -10.60 -23.57
C ALA A 132 11.70 -11.42 -23.43
N SER A 133 11.29 -12.11 -24.49
CA SER A 133 10.06 -12.89 -24.42
C SER A 133 10.20 -14.16 -23.60
N GLU A 134 11.41 -14.47 -23.12
CA GLU A 134 11.64 -15.68 -22.33
C GLU A 134 11.63 -15.42 -20.83
N ILE A 135 11.36 -14.19 -20.40
CA ILE A 135 11.34 -13.85 -18.99
C ILE A 135 9.89 -13.94 -18.50
N PRO A 136 9.58 -14.74 -17.49
CA PRO A 136 8.22 -14.77 -16.97
C PRO A 136 7.83 -13.43 -16.37
N GLY A 137 6.64 -12.96 -16.72
CA GLY A 137 6.17 -11.66 -16.28
C GLY A 137 6.66 -10.49 -17.09
N ALA A 138 7.47 -10.73 -18.12
CA ALA A 138 7.95 -9.64 -18.96
C ALA A 138 6.81 -9.09 -19.82
N ALA A 139 6.92 -7.81 -20.16
CA ALA A 139 5.91 -7.15 -21.00
C ALA A 139 6.60 -6.04 -21.77
N PHE A 140 6.48 -6.08 -23.10
CA PHE A 140 7.08 -5.06 -23.95
C PHE A 140 6.24 -4.91 -25.21
N LYS A 141 6.62 -3.94 -26.03
CA LYS A 141 5.92 -3.65 -27.27
C LYS A 141 6.80 -3.98 -28.48
N SER A 142 6.15 -4.08 -29.63
CA SER A 142 6.80 -4.42 -30.88
C SER A 142 5.93 -3.90 -32.02
N PRO A 143 6.50 -3.76 -33.23
CA PRO A 143 5.69 -3.26 -34.35
C PRO A 143 4.44 -4.08 -34.66
N GLU A 144 4.28 -5.26 -34.05
CA GLU A 144 3.09 -6.07 -34.23
C GLU A 144 2.40 -6.35 -32.90
N GLY A 145 2.41 -5.39 -32.00
CA GLY A 145 1.62 -5.45 -30.79
C GLY A 145 2.44 -5.70 -29.53
N PHE A 146 1.75 -6.15 -28.50
CA PHE A 146 2.34 -6.32 -27.18
C PHE A 146 2.68 -7.77 -26.91
N ILE A 147 3.81 -8.00 -26.26
CA ILE A 147 4.19 -9.31 -25.75
C ILE A 147 4.12 -9.21 -24.22
N ILE A 148 3.16 -9.92 -23.63
CA ILE A 148 2.87 -9.84 -22.20
C ILE A 148 2.90 -11.25 -21.65
N ASN A 149 3.96 -11.60 -20.94
CA ASN A 149 4.09 -12.93 -20.36
C ASN A 149 3.36 -13.00 -19.02
N GLU A 150 3.09 -14.22 -18.59
CA GLU A 150 2.42 -14.45 -17.31
C GLU A 150 3.42 -14.27 -16.17
N PRO A 151 3.07 -13.55 -15.11
CA PRO A 151 3.98 -13.42 -13.97
C PRO A 151 4.07 -14.71 -13.18
N ALA A 152 5.11 -14.79 -12.35
CA ALA A 152 5.38 -15.97 -11.54
C ALA A 152 5.83 -15.56 -10.16
N ARG A 153 5.60 -16.44 -9.18
CA ARG A 153 5.96 -16.18 -7.80
C ARG A 153 7.44 -16.47 -7.56
N CYS A 154 7.99 -15.81 -6.54
CA CYS A 154 9.38 -15.97 -6.15
C CYS A 154 9.46 -16.64 -4.79
N SER A 155 10.60 -17.27 -4.53
CA SER A 155 10.90 -17.78 -3.20
C SER A 155 11.05 -16.63 -2.22
N MET A 156 10.70 -16.90 -0.95
CA MET A 156 10.85 -15.89 0.08
C MET A 156 12.30 -15.72 0.54
N LYS A 157 13.19 -16.62 0.15
CA LYS A 157 14.62 -16.43 0.38
C LYS A 157 15.17 -15.52 -0.71
N ARG A 158 15.77 -14.40 -0.30
CA ARG A 158 16.28 -13.43 -1.26
C ARG A 158 17.36 -12.60 -0.59
N ALA A 159 18.01 -11.76 -1.39
CA ALA A 159 19.15 -10.98 -0.93
C ALA A 159 18.73 -9.91 0.07
N LEU A 160 19.68 -9.51 0.90
CA LEU A 160 19.47 -8.37 1.79
C LEU A 160 19.27 -7.11 0.95
N PRO A 161 18.47 -6.16 1.43
CA PRO A 161 18.26 -4.93 0.68
C PRO A 161 19.49 -4.03 0.71
N LEU A 162 19.64 -3.23 -0.34
CA LEU A 162 20.69 -2.22 -0.39
C LEU A 162 20.20 -0.98 0.36
N VAL A 163 20.73 -0.74 1.55
CA VAL A 163 20.30 0.35 2.41
C VAL A 163 21.16 1.56 2.09
N PRO A 164 20.60 2.64 1.54
CA PRO A 164 21.41 3.83 1.27
C PRO A 164 21.92 4.45 2.56
N ALA A 165 22.99 5.24 2.42
CA ALA A 165 23.65 5.82 3.59
C ALA A 165 22.77 6.82 4.33
N ASP A 166 21.79 7.41 3.65
CA ASP A 166 20.90 8.41 4.25
C ASP A 166 19.50 7.85 4.48
N ILE A 167 19.42 6.61 4.95
CA ILE A 167 18.13 6.01 5.23
C ILE A 167 17.49 6.62 6.48
N SER A 168 18.30 7.23 7.35
CA SER A 168 17.76 7.85 8.56
C SER A 168 16.94 9.09 8.26
N GLN A 169 17.13 9.70 7.09
CA GLN A 169 16.36 10.88 6.70
C GLN A 169 15.02 10.53 6.07
N GLU A 170 14.68 9.24 6.00
CA GLU A 170 13.42 8.82 5.39
C GLU A 170 12.27 8.95 6.38
N ALA A 175 7.44 6.84 9.80
CA ALA A 175 8.40 5.75 10.01
C ALA A 175 9.59 5.89 9.08
N SER A 176 10.60 5.04 9.28
CA SER A 176 11.78 5.03 8.43
C SER A 176 11.76 3.95 7.36
N VAL A 177 11.11 2.82 7.61
CA VAL A 177 11.12 1.72 6.67
C VAL A 177 9.99 0.74 7.01
N TYR A 178 9.38 0.20 5.97
CA TYR A 178 8.41 -0.88 6.07
C TYR A 178 9.11 -2.20 5.75
N ILE A 179 9.17 -3.09 6.74
CA ILE A 179 9.79 -4.40 6.58
C ILE A 179 8.73 -5.38 6.12
N GLU A 180 8.94 -5.99 4.96
CA GLU A 180 8.07 -7.07 4.53
C GLU A 180 8.30 -8.29 5.39
N THR A 181 7.23 -8.84 5.97
CA THR A 181 7.30 -10.04 6.77
C THR A 181 6.64 -11.25 6.12
N HIS A 182 5.56 -11.03 5.36
CA HIS A 182 4.90 -12.11 4.64
C HIS A 182 4.33 -11.54 3.35
N ARG A 183 4.13 -12.42 2.38
CA ARG A 183 3.72 -12.02 1.04
C ARG A 183 2.45 -12.76 0.66
N GLY A 184 1.47 -12.02 0.14
CA GLY A 184 0.18 -12.59 -0.21
C GLY A 184 -0.88 -12.29 0.83
N CYS A 185 -2.13 -12.33 0.40
CA CYS A 185 -3.26 -12.04 1.27
C CYS A 185 -4.51 -12.74 0.78
N PRO A 186 -5.23 -13.46 1.64
CA PRO A 186 -6.47 -14.11 1.22
C PRO A 186 -7.66 -13.17 1.11
N GLY A 187 -7.50 -11.89 1.39
CA GLY A 187 -8.59 -10.95 1.28
C GLY A 187 -9.03 -10.73 -0.16
N ASN A 188 -10.15 -10.03 -0.31
CA ASN A 188 -10.69 -9.72 -1.62
C ASN A 188 -11.16 -8.27 -1.71
N CYS A 189 -10.50 -7.37 -0.99
CA CYS A 189 -10.85 -5.96 -1.02
C CYS A 189 -10.73 -5.43 -2.46
N THR A 190 -11.83 -4.86 -2.97
CA THR A 190 -11.84 -4.38 -4.35
C THR A 190 -10.87 -3.23 -4.57
N PHE A 191 -10.47 -2.52 -3.53
CA PHE A 191 -9.58 -1.38 -3.63
C PHE A 191 -8.11 -1.74 -3.42
N CYS A 192 -7.79 -3.02 -3.29
CA CYS A 192 -6.43 -3.47 -3.02
C CYS A 192 -5.99 -4.45 -4.09
N GLN A 193 -4.76 -4.29 -4.57
CA GLN A 193 -4.21 -5.15 -5.60
C GLN A 193 -3.27 -6.21 -5.05
N VAL A 194 -3.07 -6.27 -3.74
CA VAL A 194 -2.18 -7.27 -3.16
C VAL A 194 -2.61 -8.70 -3.49
N PRO A 195 -3.88 -9.10 -3.34
CA PRO A 195 -4.24 -10.47 -3.70
C PRO A 195 -3.98 -10.82 -5.16
N GLU A 196 -4.02 -9.84 -6.05
CA GLU A 196 -3.75 -10.08 -7.46
C GLU A 196 -2.28 -9.93 -7.80
N PHE A 197 -1.56 -9.06 -7.10
CA PHE A 197 -0.15 -8.83 -7.40
C PHE A 197 0.75 -9.89 -6.79
N PHE A 198 0.49 -10.28 -5.54
CA PHE A 198 1.32 -11.22 -4.82
C PHE A 198 0.66 -12.58 -4.58
N GLY A 199 -0.61 -12.74 -4.92
CA GLY A 199 -1.31 -14.00 -4.72
C GLY A 199 -2.17 -13.99 -3.47
N ARG A 200 -2.98 -15.04 -3.35
CA ARG A 200 -3.94 -15.17 -2.26
C ARG A 200 -3.46 -16.12 -1.16
N GLU A 201 -2.29 -16.73 -1.32
CA GLU A 201 -1.73 -17.60 -0.30
C GLU A 201 -0.64 -16.86 0.46
N VAL A 202 -0.69 -16.95 1.78
CA VAL A 202 0.25 -16.23 2.64
C VAL A 202 1.57 -16.99 2.67
N ARG A 203 2.63 -16.35 2.21
CA ARG A 203 3.99 -16.88 2.24
C ARG A 203 4.80 -16.08 3.24
N SER A 204 5.13 -16.68 4.37
CA SER A 204 5.84 -15.99 5.44
C SER A 204 7.36 -16.09 5.24
N ARG A 205 8.04 -14.98 5.44
CA ARG A 205 9.49 -14.99 5.41
C ARG A 205 10.05 -15.73 6.62
N PRO A 206 11.24 -16.32 6.50
CA PRO A 206 11.89 -16.88 7.68
C PRO A 206 12.13 -15.79 8.72
N LEU A 207 11.83 -16.11 9.98
CA LEU A 207 11.96 -15.13 11.05
C LEU A 207 13.38 -14.61 11.17
N GLU A 208 14.37 -15.50 11.01
CA GLU A 208 15.76 -15.08 11.13
C GLU A 208 16.15 -14.13 10.02
N ASP A 209 15.58 -14.29 8.82
CA ASP A 209 15.80 -13.33 7.74
C ASP A 209 15.30 -11.95 8.13
N ILE A 210 14.10 -11.88 8.71
CA ILE A 210 13.55 -10.61 9.15
C ILE A 210 14.42 -9.99 10.23
N ILE A 211 14.88 -10.81 11.18
CA ILE A 211 15.71 -10.30 12.27
C ILE A 211 17.02 -9.74 11.72
N ARG A 212 17.67 -10.48 10.83
CA ARG A 212 18.93 -10.02 10.25
C ARG A 212 18.75 -8.74 9.44
N GLU A 213 17.65 -8.66 8.68
CA GLU A 213 17.38 -7.47 7.88
C GLU A 213 17.13 -6.25 8.76
N VAL A 214 16.38 -6.44 9.85
CA VAL A 214 16.14 -5.34 10.77
C VAL A 214 17.44 -4.92 11.44
N ARG A 215 18.29 -5.89 11.81
CA ARG A 215 19.60 -5.56 12.37
C ARG A 215 20.41 -4.71 11.40
N GLU A 216 20.43 -5.09 10.12
CA GLU A 216 21.21 -4.34 9.15
C GLU A 216 20.66 -2.94 8.96
N LEU A 217 19.34 -2.81 8.86
CA LEU A 217 18.73 -1.49 8.70
C LEU A 217 18.99 -0.61 9.92
N ARG A 218 18.99 -1.20 11.11
CA ARG A 218 19.30 -0.44 12.33
C ARG A 218 20.76 0.00 12.34
N LYS A 219 21.66 -0.89 11.91
CA LYS A 219 23.07 -0.51 11.81
C LYS A 219 23.27 0.62 10.80
N SER A 220 22.47 0.64 9.74
CA SER A 220 22.61 1.66 8.70
C SER A 220 22.00 3.00 9.09
N GLY A 221 21.18 3.06 10.13
CA GLY A 221 20.65 4.33 10.58
C GLY A 221 19.15 4.40 10.76
N ALA A 222 18.43 3.36 10.33
CA ALA A 222 16.98 3.35 10.48
C ALA A 222 16.59 3.18 11.95
N ARG A 223 15.61 3.95 12.39
CA ARG A 223 15.19 3.93 13.79
C ARG A 223 13.74 3.56 14.01
N ARG A 224 12.84 3.86 13.07
CA ARG A 224 11.42 3.56 13.21
C ARG A 224 11.01 2.56 12.14
N PHE A 225 10.28 1.51 12.54
CA PHE A 225 10.00 0.37 11.69
C PHE A 225 8.52 0.06 11.67
N ALA A 226 8.02 -0.34 10.50
CA ALA A 226 6.63 -0.74 10.35
C ALA A 226 6.56 -2.08 9.62
N ILE A 227 5.78 -3.00 10.16
CA ILE A 227 5.50 -4.25 9.45
C ILE A 227 4.81 -3.94 8.12
N SER A 228 4.95 -4.85 7.16
CA SER A 228 4.29 -4.66 5.88
C SER A 228 4.16 -6.00 5.18
N GLY A 229 3.39 -6.01 4.10
CA GLY A 229 3.13 -7.22 3.34
C GLY A 229 1.87 -7.92 3.80
N GLY A 230 0.74 -7.60 3.17
CA GLY A 230 -0.53 -8.17 3.57
C GLY A 230 -0.96 -7.66 4.94
N THR A 231 -2.12 -8.18 5.37
CA THR A 231 -2.62 -7.83 6.69
C THR A 231 -1.66 -8.33 7.76
N GLY A 232 -1.51 -7.54 8.84
CA GLY A 232 -0.38 -7.74 9.74
C GLY A 232 -0.43 -9.04 10.51
N THR A 233 -1.60 -9.42 11.02
CA THR A 233 -1.71 -10.53 11.96
C THR A 233 -1.62 -11.90 11.27
N LEU A 234 -1.37 -11.96 9.97
CA LEU A 234 -1.32 -13.23 9.27
C LEU A 234 0.10 -13.76 9.07
N TYR A 235 1.07 -13.24 9.82
CA TYR A 235 2.42 -13.79 9.73
C TYR A 235 2.45 -15.19 10.33
N GLY A 236 3.16 -16.10 9.67
CA GLY A 236 3.23 -17.47 10.12
C GLY A 236 1.93 -18.23 10.02
N SER A 237 0.92 -17.66 9.36
CA SER A 237 -0.38 -18.30 9.26
C SER A 237 -0.30 -19.54 8.38
N SER A 238 -1.32 -20.39 8.52
CA SER A 238 -1.42 -21.62 7.76
C SER A 238 -2.63 -21.56 6.82
N ARG A 239 -2.58 -22.36 5.77
CA ARG A 239 -3.73 -22.48 4.88
C ARG A 239 -4.85 -23.26 5.54
N PHE A 240 -4.52 -24.11 6.52
CA PHE A 240 -5.52 -25.01 7.09
C PHE A 240 -6.30 -24.35 8.21
N ARG A 241 -5.62 -23.62 9.09
CA ARG A 241 -6.27 -23.01 10.25
C ARG A 241 -6.08 -21.50 10.33
N GLY A 242 -5.32 -20.91 9.41
CA GLY A 242 -5.21 -19.46 9.38
C GLY A 242 -4.33 -18.86 10.46
N ILE A 243 -4.94 -18.01 11.30
CA ILE A 243 -4.18 -17.17 12.21
C ILE A 243 -3.35 -18.01 13.17
N ASP A 244 -2.10 -17.59 13.39
CA ASP A 244 -1.19 -18.21 14.34
C ASP A 244 -0.74 -17.12 15.30
N GLU A 245 -1.42 -17.01 16.44
CA GLU A 245 -1.14 -15.91 17.37
C GLU A 245 0.26 -16.00 17.96
N ASP A 246 0.75 -17.22 18.19
CA ASP A 246 2.08 -17.38 18.77
C ASP A 246 3.16 -16.92 17.80
N ALA A 247 3.01 -17.22 16.51
CA ALA A 247 3.97 -16.76 15.52
C ALA A 247 3.98 -15.24 15.42
N PHE A 248 2.81 -14.62 15.48
CA PHE A 248 2.73 -13.16 15.44
C PHE A 248 3.40 -12.55 16.66
N THR A 249 3.11 -13.09 17.85
CA THR A 249 3.73 -12.60 19.08
C THR A 249 5.25 -12.76 19.04
N GLU A 250 5.73 -13.90 18.52
CA GLU A 250 7.17 -14.12 18.44
C GLU A 250 7.81 -13.15 17.47
N LEU A 251 7.18 -12.91 16.32
CA LEU A 251 7.67 -11.91 15.37
C LEU A 251 7.81 -10.56 16.04
N LEU A 252 6.74 -10.10 16.71
CA LEU A 252 6.77 -8.78 17.34
C LEU A 252 7.84 -8.71 18.43
N ARG A 253 7.95 -9.76 19.26
CA ARG A 253 8.93 -9.74 20.34
C ARG A 253 10.36 -9.69 19.79
N GLU A 254 10.66 -10.53 18.80
CA GLU A 254 12.01 -10.58 18.26
C GLU A 254 12.37 -9.30 17.51
N ILE A 255 11.38 -8.65 16.89
CA ILE A 255 11.69 -7.38 16.25
C ILE A 255 11.88 -6.27 17.29
N SER A 256 11.04 -6.24 18.32
N SER A 256 11.04 -6.24 18.32
CA SER A 256 11.14 -5.21 19.35
CA SER A 256 11.15 -5.20 19.33
C SER A 256 12.44 -5.32 20.13
C SER A 256 12.45 -5.32 20.14
N GLU A 257 12.96 -6.54 20.29
CA GLU A 257 14.25 -6.70 20.97
C GLU A 257 15.39 -6.08 20.18
N ILE A 258 15.21 -5.84 18.89
CA ILE A 258 16.20 -5.16 18.06
C ILE A 258 15.93 -3.67 17.95
N THR A 259 14.66 -3.28 17.80
CA THR A 259 14.32 -1.89 17.52
C THR A 259 13.92 -1.11 18.76
N GLY A 260 13.44 -1.78 19.80
CA GLY A 260 12.77 -1.09 20.89
C GLY A 260 11.30 -1.02 20.60
N PRO A 261 10.46 -1.31 21.61
CA PRO A 261 9.02 -1.40 21.35
C PRO A 261 8.40 -0.11 20.84
N ARG A 262 8.86 1.04 21.32
CA ARG A 262 8.26 2.31 20.89
C ARG A 262 8.54 2.64 19.44
N ASN A 263 9.50 1.96 18.80
CA ASN A 263 9.90 2.26 17.44
C ASN A 263 9.30 1.30 16.42
N LEU A 264 8.35 0.46 16.83
CA LEU A 264 7.77 -0.54 15.97
C LEU A 264 6.26 -0.33 15.86
N THR A 265 5.72 -0.52 14.65
CA THR A 265 4.27 -0.44 14.47
C THR A 265 3.82 -1.46 13.44
N VAL A 266 2.53 -1.79 13.49
CA VAL A 266 1.88 -2.69 12.54
C VAL A 266 0.73 -1.91 11.91
N PRO A 267 0.74 -1.67 10.60
CA PRO A 267 -0.13 -0.65 10.02
C PRO A 267 -1.49 -1.12 9.53
N ASP A 268 -1.64 -2.39 9.16
CA ASP A 268 -2.89 -2.87 8.58
C ASP A 268 -3.34 -4.13 9.30
N ILE A 269 -4.41 -4.02 10.08
CA ILE A 269 -4.96 -5.12 10.84
C ILE A 269 -6.44 -5.25 10.49
N ARG A 270 -6.85 -6.46 10.11
CA ARG A 270 -8.25 -6.74 9.85
C ARG A 270 -9.01 -6.95 11.14
N VAL A 271 -10.24 -6.42 11.20
CA VAL A 271 -11.02 -6.51 12.43
C VAL A 271 -11.46 -7.94 12.72
N ASP A 272 -11.45 -8.82 11.72
CA ASP A 272 -11.85 -10.21 11.91
C ASP A 272 -10.67 -11.14 12.11
N MET A 273 -9.47 -10.59 12.31
CA MET A 273 -8.25 -11.38 12.49
C MET A 273 -7.47 -10.89 13.70
N VAL A 274 -8.18 -10.68 14.81
CA VAL A 274 -7.55 -10.28 16.07
C VAL A 274 -8.01 -11.23 17.18
N THR A 275 -7.12 -11.49 18.11
CA THR A 275 -7.36 -12.28 19.29
C THR A 275 -6.80 -11.55 20.50
N PRO A 276 -7.21 -11.92 21.71
CA PRO A 276 -6.61 -11.30 22.90
C PRO A 276 -5.09 -11.41 22.95
N GLU A 277 -4.52 -12.53 22.52
CA GLU A 277 -3.06 -12.67 22.55
C GLU A 277 -2.40 -11.76 21.51
N ILE A 278 -3.03 -11.60 20.34
CA ILE A 278 -2.50 -10.70 19.33
C ILE A 278 -2.48 -9.26 19.86
N LEU A 279 -3.57 -8.84 20.49
CA LEU A 279 -3.63 -7.48 21.03
C LEU A 279 -2.65 -7.29 22.18
N ASP A 280 -2.48 -8.32 23.02
CA ASP A 280 -1.49 -8.23 24.08
C ASP A 280 -0.08 -8.09 23.50
N ALA A 281 0.22 -8.83 22.43
CA ALA A 281 1.54 -8.71 21.80
C ALA A 281 1.74 -7.32 21.21
N ILE A 282 0.70 -6.77 20.56
CA ILE A 282 0.79 -5.41 20.04
C ILE A 282 1.04 -4.42 21.16
N SER A 283 0.37 -4.60 22.30
CA SER A 283 0.54 -3.68 23.42
C SER A 283 1.94 -3.79 24.01
N GLU A 284 2.47 -5.00 24.14
CA GLU A 284 3.72 -5.21 24.84
C GLU A 284 4.96 -4.99 23.96
N TYR A 285 4.85 -5.11 22.65
CA TYR A 285 6.03 -5.06 21.79
C TYR A 285 5.99 -3.98 20.72
N THR A 286 4.92 -3.18 20.64
CA THR A 286 4.88 -2.08 19.67
C THR A 286 4.58 -0.77 20.37
N ASN A 287 4.30 0.28 19.60
CA ASN A 287 3.95 1.57 20.18
C ASN A 287 2.55 1.60 20.78
N GLY A 288 1.82 0.48 20.74
CA GLY A 288 0.52 0.39 21.37
C GLY A 288 -0.65 0.81 20.50
N TRP A 289 -0.44 1.00 19.20
CA TRP A 289 -1.50 1.43 18.29
C TRP A 289 -1.96 0.25 17.46
N VAL A 290 -3.28 0.09 17.35
CA VAL A 290 -3.90 -0.87 16.44
C VAL A 290 -4.58 -0.06 15.34
N PHE A 291 -4.14 -0.27 14.11
CA PHE A 291 -4.66 0.44 12.95
C PHE A 291 -5.63 -0.48 12.22
N TYR A 292 -6.92 -0.31 12.48
CA TYR A 292 -7.94 -1.10 11.82
C TYR A 292 -8.29 -0.50 10.47
N GLY A 293 -8.57 -1.36 9.50
CA GLY A 293 -9.10 -0.89 8.23
C GLY A 293 -10.61 -1.05 8.19
N ILE A 294 -11.34 -0.03 8.61
CA ILE A 294 -12.79 -0.14 8.72
C ILE A 294 -13.47 0.17 7.39
N GLU A 295 -12.91 1.11 6.62
CA GLU A 295 -13.35 1.48 5.27
C GLU A 295 -14.73 2.15 5.25
N SER A 296 -15.74 1.48 5.80
N SER A 296 -15.74 1.48 5.80
CA SER A 296 -17.09 2.02 5.77
CA SER A 296 -17.09 2.02 5.77
C SER A 296 -17.89 1.45 6.92
C SER A 296 -17.89 1.45 6.92
N GLY A 297 -18.91 2.19 7.32
CA GLY A 297 -19.88 1.74 8.30
C GLY A 297 -21.19 1.29 7.71
N SER A 298 -21.33 1.35 6.39
CA SER A 298 -22.53 0.87 5.70
C SER A 298 -22.33 -0.60 5.35
N ARG A 299 -23.27 -1.43 5.80
CA ARG A 299 -23.21 -2.85 5.48
C ARG A 299 -23.25 -3.08 3.98
N ARG A 300 -24.03 -2.26 3.27
CA ARG A 300 -24.13 -2.38 1.82
C ARG A 300 -22.79 -2.13 1.14
N ILE A 301 -22.11 -1.04 1.52
CA ILE A 301 -20.83 -0.72 0.91
C ILE A 301 -19.77 -1.74 1.34
N LEU A 302 -19.83 -2.20 2.59
CA LEU A 302 -18.91 -3.23 3.03
C LEU A 302 -19.07 -4.50 2.21
N ARG A 303 -20.31 -4.85 1.86
CA ARG A 303 -20.52 -5.98 0.96
C ARG A 303 -19.96 -5.69 -0.43
N ARG A 304 -20.20 -4.48 -0.94
CA ARG A 304 -19.70 -4.14 -2.28
C ARG A 304 -18.18 -4.10 -2.32
N MET A 305 -17.53 -3.70 -1.22
CA MET A 305 -16.07 -3.70 -1.16
C MET A 305 -15.48 -5.10 -1.02
N LYS A 306 -16.31 -6.11 -0.77
CA LYS A 306 -15.86 -7.47 -0.49
C LYS A 306 -14.86 -7.49 0.67
N LYS A 307 -15.14 -6.69 1.70
CA LYS A 307 -14.31 -6.66 2.90
C LYS A 307 -14.48 -7.90 3.75
N GLY A 308 -15.61 -8.60 3.63
CA GLY A 308 -15.85 -9.77 4.45
C GLY A 308 -16.17 -9.46 5.89
N ILE A 309 -16.49 -8.21 6.20
CA ILE A 309 -16.78 -7.78 7.56
C ILE A 309 -18.09 -7.01 7.58
N LYS A 310 -18.65 -6.86 8.77
CA LYS A 310 -19.85 -6.09 9.02
C LYS A 310 -19.59 -5.16 10.20
N PRO A 311 -20.43 -4.13 10.39
CA PRO A 311 -20.19 -3.19 11.50
C PRO A 311 -20.06 -3.85 12.86
N GLY A 312 -20.79 -4.94 13.12
CA GLY A 312 -20.64 -5.63 14.38
C GLY A 312 -19.23 -6.15 14.60
N ASP A 313 -18.58 -6.62 13.53
CA ASP A 313 -17.19 -7.06 13.64
C ASP A 313 -16.29 -5.91 14.05
N VAL A 314 -16.49 -4.73 13.46
CA VAL A 314 -15.68 -3.57 13.80
C VAL A 314 -15.90 -3.18 15.26
N ILE A 315 -17.16 -3.17 15.70
CA ILE A 315 -17.47 -2.82 17.08
C ILE A 315 -16.80 -3.78 18.05
N GLU A 316 -16.89 -5.09 17.76
CA GLU A 316 -16.29 -6.08 18.64
C GLU A 316 -14.77 -5.95 18.66
N ALA A 317 -14.15 -5.69 17.50
CA ALA A 317 -12.71 -5.56 17.46
C ALA A 317 -12.24 -4.34 18.25
N VAL A 318 -12.96 -3.22 18.12
CA VAL A 318 -12.59 -2.02 18.86
C VAL A 318 -12.78 -2.24 20.36
N GLU A 319 -13.87 -2.91 20.75
CA GLU A 319 -14.09 -3.20 22.16
C GLU A 319 -12.99 -4.10 22.72
N LEU A 320 -12.61 -5.14 21.98
CA LEU A 320 -11.56 -6.03 22.46
C LEU A 320 -10.22 -5.31 22.55
N ALA A 321 -9.95 -4.39 21.61
CA ALA A 321 -8.72 -3.60 21.69
C ALA A 321 -8.74 -2.68 22.91
N ARG A 322 -9.89 -2.09 23.22
CA ARG A 322 -10.00 -1.24 24.40
C ARG A 322 -9.83 -2.02 25.69
N GLU A 323 -10.32 -3.27 25.72
CA GLU A 323 -10.21 -4.08 26.93
C GLU A 323 -8.76 -4.41 27.25
N HIS A 324 -7.89 -4.48 26.24
CA HIS A 324 -6.47 -4.71 26.44
C HIS A 324 -5.67 -3.41 26.45
N ASN A 325 -6.34 -2.27 26.57
CA ASN A 325 -5.71 -0.97 26.78
C ASN A 325 -4.80 -0.57 25.62
N LEU A 326 -5.31 -0.71 24.41
CA LEU A 326 -4.62 -0.28 23.20
C LEU A 326 -5.13 1.08 22.74
N LYS A 327 -4.27 1.80 22.03
CA LYS A 327 -4.73 2.95 21.26
C LYS A 327 -5.28 2.45 19.93
N VAL A 328 -6.33 3.09 19.42
CA VAL A 328 -7.04 2.60 18.25
C VAL A 328 -7.13 3.69 17.20
N ALA A 329 -6.70 3.37 15.98
CA ALA A 329 -6.89 4.23 14.82
C ALA A 329 -7.72 3.47 13.78
N GLY A 330 -8.53 4.20 13.04
CA GLY A 330 -9.36 3.59 12.01
C GLY A 330 -9.23 4.23 10.65
N SER A 331 -9.12 3.41 9.60
CA SER A 331 -8.98 3.90 8.24
C SER A 331 -10.31 3.73 7.49
N PHE A 332 -10.74 4.80 6.83
CA PHE A 332 -12.04 4.86 6.17
C PHE A 332 -11.88 5.35 4.74
N ILE A 333 -12.78 4.88 3.87
CA ILE A 333 -12.79 5.21 2.46
C ILE A 333 -14.14 5.83 2.13
N VAL A 334 -14.12 7.04 1.57
CA VAL A 334 -15.33 7.73 1.14
C VAL A 334 -15.31 7.86 -0.38
N GLY A 335 -16.49 8.09 -0.94
CA GLY A 335 -16.61 8.28 -2.37
C GLY A 335 -16.65 7.02 -3.20
N TYR A 336 -16.91 5.87 -2.58
CA TYR A 336 -16.94 4.62 -3.32
C TYR A 336 -18.13 4.62 -4.29
N PRO A 337 -17.99 4.02 -5.47
CA PRO A 337 -19.09 4.01 -6.44
C PRO A 337 -20.35 3.38 -5.84
N GLY A 338 -21.48 4.06 -6.03
CA GLY A 338 -22.76 3.61 -5.51
C GLY A 338 -23.09 4.10 -4.12
N GLU A 339 -22.16 4.77 -3.44
CA GLU A 339 -22.38 5.26 -2.09
C GLU A 339 -23.27 6.49 -2.13
N ASP A 340 -24.48 6.39 -1.60
CA ASP A 340 -25.36 7.53 -1.51
C ASP A 340 -25.19 8.17 -0.13
N GLU A 341 -26.05 9.15 0.20
CA GLU A 341 -25.92 9.84 1.47
C GLU A 341 -26.26 8.95 2.66
N ARG A 342 -27.10 7.93 2.45
CA ARG A 342 -27.42 7.00 3.53
C ARG A 342 -26.17 6.22 3.96
N ASP A 343 -25.38 5.75 3.01
CA ASP A 343 -24.18 4.99 3.34
C ASP A 343 -23.16 5.88 4.07
N HIS A 344 -22.99 7.11 3.62
CA HIS A 344 -22.07 8.04 4.30
C HIS A 344 -22.57 8.35 5.71
N GLU A 345 -23.89 8.50 5.87
CA GLU A 345 -24.45 8.72 7.19
C GLU A 345 -24.20 7.54 8.11
N GLU A 346 -24.34 6.32 7.58
CA GLU A 346 -24.09 5.14 8.40
C GLU A 346 -22.62 5.04 8.79
N THR A 347 -21.73 5.39 7.87
CA THR A 347 -20.30 5.42 8.19
C THR A 347 -20.01 6.44 9.28
N LEU A 348 -20.61 7.63 9.19
CA LEU A 348 -20.39 8.63 10.23
C LEU A 348 -20.96 8.20 11.57
N GLU A 349 -22.12 7.54 11.56
CA GLU A 349 -22.70 7.02 12.80
C GLU A 349 -21.76 6.01 13.45
N LEU A 350 -21.24 5.06 12.66
CA LEU A 350 -20.32 4.08 13.21
C LEU A 350 -19.05 4.75 13.75
N ALA A 351 -18.49 5.68 12.99
CA ALA A 351 -17.26 6.34 13.43
C ALA A 351 -17.48 7.10 14.74
N ASP A 352 -18.65 7.74 14.88
CA ASP A 352 -18.96 8.42 16.13
C ASP A 352 -19.11 7.42 17.28
N GLU A 353 -19.80 6.31 17.03
CA GLU A 353 -20.01 5.31 18.08
C GLU A 353 -18.70 4.66 18.52
N LEU A 354 -17.75 4.51 17.60
CA LEU A 354 -16.50 3.83 17.94
C LEU A 354 -15.62 4.67 18.86
N MET A 355 -15.66 6.00 18.71
CA MET A 355 -14.86 6.91 19.53
C MET A 355 -13.38 6.52 19.50
N LEU A 356 -12.85 6.35 18.29
CA LEU A 356 -11.48 5.90 18.12
C LEU A 356 -10.51 6.97 18.57
N ASP A 357 -9.26 6.55 18.79
CA ASP A 357 -8.23 7.51 19.16
C ASP A 357 -7.73 8.30 17.95
N ASP A 358 -7.78 7.72 16.76
CA ASP A 358 -7.42 8.49 15.57
C ASP A 358 -8.21 7.99 14.37
N TYR A 359 -8.42 8.88 13.41
CA TYR A 359 -9.17 8.58 12.19
C TYR A 359 -8.35 9.01 10.98
N PHE A 360 -8.36 8.15 9.95
CA PHE A 360 -7.76 8.47 8.66
C PHE A 360 -8.84 8.31 7.61
N VAL A 361 -8.98 9.29 6.73
CA VAL A 361 -10.03 9.31 5.72
C VAL A 361 -9.39 9.48 4.35
N SER A 362 -9.75 8.61 3.41
CA SER A 362 -9.24 8.71 2.05
C SER A 362 -10.38 8.55 1.05
N ILE A 363 -10.25 9.22 -0.08
CA ILE A 363 -11.18 9.06 -1.18
C ILE A 363 -10.83 7.79 -1.95
N ALA A 364 -11.85 7.05 -2.37
CA ALA A 364 -11.63 5.78 -3.05
C ALA A 364 -10.77 5.97 -4.29
N GLU A 365 -9.68 5.20 -4.38
CA GLU A 365 -8.75 5.29 -5.49
C GLU A 365 -8.93 4.11 -6.42
N PRO A 366 -9.36 4.32 -7.67
CA PRO A 366 -9.53 3.20 -8.60
C PRO A 366 -8.22 2.71 -9.18
N ILE A 367 -7.58 1.78 -8.49
CA ILE A 367 -6.28 1.26 -8.92
C ILE A 367 -6.47 0.41 -10.18
N PRO A 368 -5.67 0.61 -11.23
CA PRO A 368 -5.85 -0.20 -12.45
C PRO A 368 -5.54 -1.67 -12.19
N GLY A 369 -6.39 -2.53 -12.73
CA GLY A 369 -6.28 -3.95 -12.52
C GLY A 369 -7.07 -4.50 -11.36
N THR A 370 -7.61 -3.63 -10.51
CA THR A 370 -8.43 -4.05 -9.38
C THR A 370 -9.90 -4.05 -9.79
N GLU A 371 -10.73 -4.66 -8.94
CA GLU A 371 -12.17 -4.66 -9.18
C GLU A 371 -12.74 -3.25 -9.13
N LEU A 372 -12.25 -2.44 -8.18
CA LEU A 372 -12.67 -1.04 -8.14
C LEU A 372 -12.25 -0.30 -9.40
N GLY A 373 -11.04 -0.55 -9.89
CA GLY A 373 -10.61 0.06 -11.14
C GLY A 373 -11.46 -0.37 -12.31
N ASP A 374 -11.80 -1.66 -12.38
CA ASP A 374 -12.67 -2.15 -13.46
C ASP A 374 -14.05 -1.51 -13.38
N GLU A 375 -14.55 -1.29 -12.17
CA GLU A 375 -15.88 -0.70 -12.02
C GLU A 375 -15.87 0.78 -12.36
N VAL A 376 -14.79 1.48 -12.01
CA VAL A 376 -14.74 2.92 -12.27
C VAL A 376 -14.42 3.22 -13.73
N LYS A 377 -13.64 2.37 -14.39
CA LYS A 377 -13.26 2.62 -15.78
C LYS A 377 -14.47 2.69 -16.70
N GLY A 378 -15.50 1.90 -16.41
CA GLY A 378 -16.75 1.94 -17.16
C GLY A 378 -17.86 2.75 -16.53
N LEU A 379 -17.58 3.47 -15.45
CA LEU A 379 -18.60 4.23 -14.74
C LEU A 379 -18.66 5.65 -15.26
N GLU A 380 -19.88 6.13 -15.51
CA GLU A 380 -20.05 7.51 -15.97
C GLU A 380 -19.83 8.49 -14.83
N ASP A 381 -19.45 9.72 -15.20
CA ASP A 381 -19.11 10.72 -14.20
C ASP A 381 -20.32 11.07 -13.32
N GLU A 382 -21.53 10.92 -13.85
CA GLU A 382 -22.72 11.23 -13.07
C GLU A 382 -23.01 10.20 -11.98
N ASP A 383 -22.37 9.03 -12.05
CA ASP A 383 -22.52 8.00 -11.05
C ASP A 383 -21.29 7.87 -10.15
N ASN A 384 -20.20 8.56 -10.46
CA ASN A 384 -18.98 8.49 -9.67
C ASN A 384 -18.94 9.66 -8.70
N PRO A 385 -18.99 9.42 -7.39
CA PRO A 385 -18.96 10.54 -6.44
C PRO A 385 -17.76 11.46 -6.60
N VAL A 386 -16.65 10.96 -7.16
CA VAL A 386 -15.51 11.82 -7.43
C VAL A 386 -15.84 12.87 -8.48
N PHE A 387 -16.84 12.63 -9.33
CA PHE A 387 -17.27 13.59 -10.33
C PHE A 387 -18.71 14.02 -10.16
N MET A 388 -19.34 13.67 -9.04
CA MET A 388 -20.72 14.04 -8.79
C MET A 388 -20.80 15.40 -8.08
N GLU A 389 -21.95 16.04 -8.21
CA GLU A 389 -22.14 17.39 -7.72
C GLU A 389 -22.26 17.40 -6.20
N PRO A 390 -21.52 18.25 -5.51
CA PRO A 390 -21.67 18.37 -4.06
C PRO A 390 -22.81 19.31 -3.69
N SER A 391 -23.25 19.20 -2.44
CA SER A 391 -24.28 20.10 -1.93
C SER A 391 -23.72 21.50 -1.69
N ASP A 392 -22.44 21.60 -1.35
CA ASP A 392 -21.76 22.87 -1.15
C ASP A 392 -20.80 23.08 -2.31
N ARG A 393 -20.97 24.20 -3.03
CA ARG A 393 -20.14 24.47 -4.19
C ARG A 393 -18.71 24.84 -3.84
N LYS A 394 -18.38 25.03 -2.56
CA LYS A 394 -16.99 25.23 -2.17
C LYS A 394 -16.15 24.00 -2.43
N PHE A 395 -16.75 22.82 -2.51
CA PHE A 395 -16.05 21.58 -2.79
C PHE A 395 -16.12 21.25 -4.26
N ARG A 396 -15.04 20.64 -4.77
CA ARG A 396 -14.97 20.32 -6.20
C ARG A 396 -15.87 19.14 -6.56
N SER A 397 -16.24 18.31 -5.60
CA SER A 397 -17.07 17.14 -5.88
C SER A 397 -17.73 16.67 -4.60
N LEU A 398 -18.68 15.73 -4.76
CA LEU A 398 -19.34 15.13 -3.62
C LEU A 398 -18.38 14.31 -2.78
N ALA A 399 -17.43 13.61 -3.43
CA ALA A 399 -16.46 12.81 -2.70
C ALA A 399 -15.58 13.69 -1.82
N GLU A 400 -15.12 14.83 -2.35
CA GLU A 400 -14.32 15.74 -1.54
C GLU A 400 -15.13 16.32 -0.40
N GLU A 401 -16.42 16.61 -0.65
CA GLU A 401 -17.30 17.09 0.41
C GLU A 401 -17.41 16.10 1.55
N ARG A 402 -17.64 14.82 1.21
CA ARG A 402 -17.74 13.79 2.22
C ARG A 402 -16.41 13.59 2.94
N ALA A 403 -15.29 13.65 2.21
CA ALA A 403 -13.98 13.50 2.84
C ALA A 403 -13.73 14.60 3.86
N PHE A 404 -13.97 15.85 3.46
CA PHE A 404 -13.77 16.96 4.39
C PHE A 404 -14.72 16.87 5.58
N GLY A 405 -15.99 16.52 5.34
CA GLY A 405 -16.93 16.39 6.44
C GLY A 405 -16.52 15.34 7.44
N PHE A 406 -16.11 14.17 6.94
CA PHE A 406 -15.63 13.11 7.83
C PHE A 406 -14.40 13.57 8.59
N MET A 407 -13.43 14.18 7.91
CA MET A 407 -12.21 14.63 8.58
C MET A 407 -12.51 15.66 9.65
N LEU A 408 -13.47 16.55 9.41
CA LEU A 408 -13.82 17.56 10.41
C LEU A 408 -14.54 16.93 11.59
N ASP A 409 -15.54 16.08 11.32
CA ASP A 409 -16.27 15.43 12.39
C ASP A 409 -15.39 14.52 13.22
N SER A 410 -14.30 14.00 12.66
CA SER A 410 -13.45 13.08 13.41
C SER A 410 -12.80 13.76 14.62
N TYR A 411 -12.56 15.08 14.53
CA TYR A 411 -11.93 15.79 15.64
C TYR A 411 -12.90 16.05 16.78
N VAL A 412 -14.21 15.91 16.55
CA VAL A 412 -15.18 15.90 17.65
C VAL A 412 -15.63 14.49 18.00
N PHE A 413 -15.34 13.50 17.16
CA PHE A 413 -15.69 12.11 17.44
C PHE A 413 -14.69 11.44 18.36
N ARG A 414 -13.41 11.74 18.20
CA ARG A 414 -12.35 10.96 18.83
C ARG A 414 -12.42 11.08 20.35
N SER A 415 -11.73 10.14 21.02
CA SER A 415 -11.77 10.07 22.47
C SER A 415 -11.18 11.32 23.12
N MET A 416 -10.23 11.97 22.45
CA MET A 416 -9.65 13.23 22.92
C MET A 416 -10.04 14.33 21.96
N PRO A 417 -11.21 14.94 22.12
CA PRO A 417 -11.69 15.92 21.13
C PRO A 417 -10.79 17.14 21.05
N ILE A 418 -10.55 17.59 19.82
CA ILE A 418 -9.71 18.75 19.54
C ILE A 418 -10.62 19.93 19.20
N PRO A 419 -10.51 21.06 19.89
CA PRO A 419 -11.29 22.24 19.51
C PRO A 419 -10.94 22.71 18.11
N VAL A 420 -11.94 22.68 17.22
CA VAL A 420 -11.71 23.02 15.82
C VAL A 420 -11.40 24.51 15.70
N THR A 421 -10.33 24.83 14.99
CA THR A 421 -9.93 26.21 14.75
C THR A 421 -9.88 26.46 13.25
N ASP A 422 -9.66 27.73 12.89
CA ASP A 422 -9.58 28.09 11.47
C ASP A 422 -8.39 27.44 10.80
N GLU A 423 -7.27 27.32 11.52
CA GLU A 423 -6.09 26.68 10.94
C GLU A 423 -6.35 25.22 10.62
N LEU A 424 -6.94 24.48 11.56
CA LEU A 424 -7.25 23.07 11.33
C LEU A 424 -8.29 22.93 10.22
N LEU A 425 -9.26 23.83 10.17
CA LEU A 425 -10.28 23.79 9.12
C LEU A 425 -9.64 23.97 7.75
N ARG A 426 -8.75 24.95 7.62
CA ARG A 426 -8.07 25.17 6.35
C ARG A 426 -7.17 24.00 5.99
N SER A 427 -6.52 23.40 6.98
CA SER A 427 -5.66 22.24 6.72
C SER A 427 -6.48 21.06 6.20
N LEU A 428 -7.64 20.81 6.82
CA LEU A 428 -8.50 19.73 6.34
C LEU A 428 -9.03 20.02 4.95
N LYS A 429 -9.38 21.28 4.67
CA LYS A 429 -9.81 21.66 3.33
C LYS A 429 -8.73 21.39 2.30
N LYS A 430 -7.49 21.77 2.61
CA LYS A 430 -6.38 21.53 1.70
C LYS A 430 -6.14 20.04 1.48
N GLU A 431 -6.23 19.25 2.56
CA GLU A 431 -6.01 17.80 2.43
C GLU A 431 -7.09 17.18 1.55
N ALA A 432 -8.35 17.55 1.77
CA ALA A 432 -9.43 17.02 0.94
C ALA A 432 -9.26 17.43 -0.51
N ARG A 433 -8.83 18.67 -0.76
CA ARG A 433 -8.61 19.12 -2.12
C ARG A 433 -7.48 18.36 -2.80
N ASP A 434 -6.39 18.12 -2.07
CA ASP A 434 -5.27 17.36 -2.64
C ASP A 434 -5.69 15.93 -2.98
N GLN A 435 -6.45 15.29 -2.08
CA GLN A 435 -6.93 13.95 -2.36
C GLN A 435 -7.86 13.96 -3.58
N GLN A 436 -8.74 14.95 -3.67
CA GLN A 436 -9.63 15.06 -4.83
C GLN A 436 -8.83 15.18 -6.12
N GLU A 437 -7.80 16.03 -6.13
CA GLU A 437 -7.00 16.21 -7.34
C GLU A 437 -6.27 14.93 -7.72
N HIS A 438 -5.67 14.25 -6.75
CA HIS A 438 -4.99 12.99 -7.01
C HIS A 438 -5.94 11.95 -7.59
N ILE A 439 -7.13 11.83 -7.00
CA ILE A 439 -8.08 10.81 -7.45
C ILE A 439 -8.60 11.15 -8.84
N GLU A 440 -8.87 12.44 -9.10
CA GLU A 440 -9.28 12.85 -10.44
C GLU A 440 -8.21 12.49 -11.47
N THR A 441 -6.95 12.78 -11.17
CA THR A 441 -5.88 12.49 -12.12
C THR A 441 -5.76 11.00 -12.39
N VAL A 442 -5.77 10.18 -11.33
CA VAL A 442 -5.63 8.74 -11.55
C VAL A 442 -6.85 8.15 -12.23
N THR A 443 -8.04 8.74 -12.00
CA THR A 443 -9.23 8.24 -12.69
C THR A 443 -9.20 8.58 -14.16
N ARG A 444 -8.80 9.81 -14.50
CA ARG A 444 -8.67 10.17 -15.91
C ARG A 444 -7.58 9.36 -16.59
N MET A 445 -6.54 8.96 -15.85
CA MET A 445 -5.54 8.07 -16.42
C MET A 445 -6.10 6.67 -16.65
N LEU A 446 -6.93 6.19 -15.71
CA LEU A 446 -7.53 4.87 -15.85
C LEU A 446 -8.42 4.79 -17.08
N LYS A 447 -9.17 5.86 -17.36
CA LYS A 447 -10.04 5.91 -18.52
C LYS A 447 -9.33 6.34 -19.79
N ARG A 448 -8.01 6.52 -19.74
CA ARG A 448 -7.20 6.90 -20.90
C ARG A 448 -7.68 8.23 -21.48
N GLU A 449 -7.99 9.19 -20.62
CA GLU A 449 -8.42 10.51 -21.05
C GLU A 449 -7.25 11.49 -21.07
FE1 SF4 B . -7.66 -6.18 2.07
FE2 SF4 B . -5.38 -5.52 3.45
FE3 SF4 B . -5.34 -5.67 0.71
FE4 SF4 B . -5.56 -7.95 2.20
S1 SF4 B . -3.79 -6.51 2.15
S2 SF4 B . -6.78 -7.40 0.35
S3 SF4 B . -6.84 -7.21 3.94
S4 SF4 B . -6.54 -4.20 1.99
CO B12 C . 1.25 2.59 -0.61
N21 B12 C . 0.33 1.65 -2.00
N22 B12 C . 0.41 4.27 -1.14
N23 B12 C . 2.50 3.31 0.66
N24 B12 C . 1.70 0.81 -0.10
C1 B12 C . 0.77 0.24 -2.25
C20 B12 C . 2.10 0.25 -3.01
C2 B12 C . -0.43 -0.34 -3.08
C25 B12 C . -0.02 -1.51 -4.00
C26 B12 C . -1.55 -0.82 -2.13
C27 B12 C . -2.96 -0.90 -2.72
O28 B12 C . -3.81 -0.06 -2.42
N29 B12 C . -3.19 -1.90 -3.55
C3 B12 C . -0.97 0.95 -3.83
C30 B12 C . -0.42 1.28 -5.23
C31 B12 C . -1.40 1.00 -6.37
C32 B12 C . -0.95 1.59 -7.68
O34 B12 C . -0.83 2.81 -7.82
N33 B12 C . -0.73 0.73 -8.66
C4 B12 C . -0.67 2.04 -2.80
C5 B12 C . -1.29 3.30 -2.59
C35 B12 C . -2.74 3.44 -3.01
C6 B12 C . -0.65 4.42 -1.96
C7 B12 C . -0.98 5.92 -2.06
C36 B12 C . -1.24 6.46 -3.48
C37 B12 C . -2.19 6.23 -1.13
C38 B12 C . -2.64 7.68 -1.09
O39 B12 C . -2.06 8.51 -0.37
N40 B12 C . -3.68 8.00 -1.85
C8 B12 C . 0.26 6.60 -1.40
C41 B12 C . 1.27 7.22 -2.38
C42 B12 C . 2.33 6.25 -2.91
C43 B12 C . 3.42 6.97 -3.66
O44 B12 C . 3.16 7.88 -4.45
N45 B12 C . 4.66 6.55 -3.43
C9 B12 C . 0.86 5.43 -0.66
C10 B12 C . 1.78 5.61 0.40
C11 B12 C . 2.58 4.61 1.00
C12 B12 C . 3.63 4.86 2.07
C46 B12 C . 2.91 4.67 3.42
C47 B12 C . 4.30 6.24 2.03
C13 B12 C . 4.50 3.63 1.74
C48 B12 C . 5.46 3.78 0.55
C49 B12 C . 6.44 2.63 0.36
C50 B12 C . 6.20 1.82 -0.89
O51 B12 C . 6.76 0.73 -1.06
N52 B12 C . 5.37 2.34 -1.78
C14 B12 C . 3.45 2.64 1.35
C15 B12 C . 3.36 1.25 1.59
C53 B12 C . 4.14 0.70 2.77
C16 B12 C . 2.56 0.36 0.81
C17 B12 C . 2.50 -1.18 0.85
C54 B12 C . 1.58 -1.57 2.02
C55 B12 C . 3.78 -2.03 0.95
C56 B12 C . 4.86 -1.79 -0.11
C57 B12 C . 6.00 -2.77 0.06
O58 B12 C . 7.00 -2.49 0.71
N59 B12 C . 5.82 -3.95 -0.53
C18 B12 C . 1.87 -1.51 -0.52
C60 B12 C . 1.10 -2.84 -0.59
C61 B12 C . 1.95 -4.07 -0.76
O63 B12 C . 2.77 -4.15 -1.69
N62 B12 C . 1.79 -5.03 0.14
C19 B12 C . 1.01 -0.27 -0.81
C1P B12 C . 6.81 -5.02 -0.47
C2P B12 C . 7.73 -5.04 -1.67
C3P B12 C . 8.71 -6.19 -1.61
O3 B12 C . 6.90 -5.14 -2.85
O4 B12 C . 7.39 -2.73 -3.43
O5 B12 C . 5.80 -4.11 -4.85
P B12 C . 7.03 -4.05 -4.00
O2 B12 C . 8.24 -4.61 -4.87
C3R B12 C . 8.18 -5.92 -5.45
C2R B12 C . 7.64 -5.89 -6.89
O7R B12 C . 6.86 -4.73 -7.14
C1R B12 C . 8.93 -5.92 -7.71
O6R B12 C . 9.86 -6.68 -6.97
C4R B12 C . 9.60 -6.51 -5.56
C5R B12 C . 9.79 -7.85 -4.86
O8R B12 C . 8.90 -8.83 -5.35
N1B B12 C . 9.52 -4.61 -8.01
C8B B12 C . 10.32 -4.32 -9.11
C2B B12 C . 9.42 -3.44 -7.30
N3B B12 C . 10.08 -2.44 -7.83
C9B B12 C . 10.66 -2.97 -8.98
C4B B12 C . 11.46 -2.38 -9.95
C5B B12 C . 11.93 -3.14 -11.03
C5M B12 C . 12.79 -2.48 -12.07
C6B B12 C . 11.58 -4.50 -11.14
C6M B12 C . 12.08 -5.33 -12.30
C7B B12 C . 10.77 -5.10 -10.18
CA CA D . 14.61 -13.27 21.75
CA CA E . -20.02 -5.95 22.02
#